data_3OTG
#
_entry.id   3OTG
#
_cell.length_a   106.177
_cell.length_b   106.177
_cell.length_c   155.817
_cell.angle_alpha   90.000
_cell.angle_beta   90.000
_cell.angle_gamma   120.000
#
_symmetry.space_group_name_H-M   'P 61 2 2'
#
loop_
_entity.id
_entity.type
_entity.pdbx_description
1 polymer CalG1
2 non-polymer "THYMIDINE-5'-DIPHOSPHATE"
3 non-polymer 'CHLORIDE ION'
4 water water
#
_entity_poly.entity_id   1
_entity_poly.type   'polypeptide(L)'
_entity_poly.pdbx_seq_one_letter_code
;GHHHHHHHHHHSSGHIEGRH(MSE)RVLFASLGTHGHTYPLLPLATAARAAGHEVTFATGEGFAGTLRKLGFEPVATG
(MSE)PVFDGFLAALRIRFDTDSPEGLTPEQLSELPQIVFGRVIPQRVFDELQPVIERLRPDLVVQEISNYGAGLAALKA
GIPTICHGVGRDTPDDLTRSIEEEVRGLAQRLGLDLPPGRIDGFGNPFIDIFPPSLQEPEFRARPRRHELRPVPFAEQGD
LPAWLSSRDTARPLVYLTLGTSSGGTVEVLRAAIDGLAGLDADVLVASGPSLDVSGLGEVPANVRLESWVPQAALLPHVD
LVVHHGGSGTTLGALGAGVPQLSFPWAGDSFANAQAVAQAGAGDHLLPDNISPDSVSGAAKRLLAEESYRAGARAVAAEI
AA(MSE)PGPDEVVRLLPGFASRSAG
;
_entity_poly.pdbx_strand_id   A
#
loop_
_chem_comp.id
_chem_comp.type
_chem_comp.name
_chem_comp.formula
CL non-polymer 'CHLORIDE ION' 'Cl -1'
TYD non-polymer THYMIDINE-5'-DIPHOSPHATE 'C10 H16 N2 O11 P2'
#
# COMPACT_ATOMS: atom_id res chain seq x y z
N GLY A 18 9.41 -27.66 -12.34
CA GLY A 18 9.17 -26.42 -11.62
C GLY A 18 8.73 -26.64 -10.18
N ARG A 19 9.33 -27.64 -9.54
CA ARG A 19 9.05 -27.93 -8.14
C ARG A 19 10.11 -27.26 -7.27
N HIS A 20 9.75 -26.95 -6.02
CA HIS A 20 10.69 -26.35 -5.08
C HIS A 20 11.57 -25.27 -5.73
N MSE A 21 10.93 -24.23 -6.25
CA MSE A 21 11.68 -23.13 -6.80
C MSE A 21 12.16 -22.25 -5.68
O MSE A 21 11.62 -22.26 -4.56
CB MSE A 21 10.80 -22.30 -7.73
CG MSE A 21 10.37 -23.06 -8.95
SE MSE A 21 9.32 -21.91 -10.10
CE MSE A 21 7.84 -21.55 -8.90
N ARG A 22 13.21 -21.47 -5.96
CA ARG A 22 13.62 -20.39 -5.09
C ARG A 22 13.01 -19.13 -5.69
N VAL A 23 12.13 -18.50 -4.91
CA VAL A 23 11.42 -17.34 -5.40
C VAL A 23 11.78 -16.17 -4.49
N LEU A 24 12.25 -15.10 -5.10
CA LEU A 24 12.62 -13.90 -4.36
C LEU A 24 11.56 -12.81 -4.53
N PHE A 25 10.81 -12.52 -3.46
CA PHE A 25 9.91 -11.37 -3.43
C PHE A 25 10.71 -10.16 -2.99
N ALA A 26 10.35 -8.98 -3.50
CA ALA A 26 11.06 -7.76 -3.13
C ALA A 26 10.12 -6.56 -3.15
N SER A 27 9.98 -5.89 -2.02
CA SER A 27 9.10 -4.71 -1.96
C SER A 27 9.80 -3.54 -1.30
N LEU A 28 9.22 -2.34 -1.47
CA LEU A 28 9.63 -1.18 -0.70
C LEU A 28 9.28 -1.40 0.75
N GLY A 29 10.07 -0.81 1.64
CA GLY A 29 9.98 -1.12 3.06
C GLY A 29 8.92 -0.37 3.87
N THR A 30 7.69 -0.30 3.37
CA THR A 30 6.59 0.19 4.19
C THR A 30 5.51 -0.90 4.27
N HIS A 31 4.60 -0.79 5.23
CA HIS A 31 3.53 -1.78 5.33
C HIS A 31 2.70 -1.81 4.05
N GLY A 32 2.34 -0.63 3.55
CA GLY A 32 1.55 -0.53 2.36
C GLY A 32 2.19 -1.18 1.13
N HIS A 33 3.52 -1.14 1.04
CA HIS A 33 4.16 -1.73 -0.14
C HIS A 33 4.51 -3.21 0.07
N THR A 34 4.59 -3.63 1.34
CA THR A 34 4.98 -5.01 1.65
C THR A 34 3.81 -5.96 1.85
N TYR A 35 2.85 -5.55 2.68
CA TYR A 35 1.70 -6.41 2.99
C TYR A 35 0.96 -7.04 1.81
N PRO A 36 0.73 -6.26 0.73
CA PRO A 36 -0.03 -6.81 -0.40
C PRO A 36 0.61 -8.04 -1.06
N LEU A 37 1.92 -8.21 -0.91
CA LEU A 37 2.60 -9.35 -1.52
C LEU A 37 2.64 -10.58 -0.63
N LEU A 38 2.31 -10.43 0.64
CA LEU A 38 2.42 -11.53 1.59
C LEU A 38 1.53 -12.75 1.26
N PRO A 39 0.28 -12.51 0.83
CA PRO A 39 -0.58 -13.65 0.51
C PRO A 39 -0.04 -14.51 -0.62
N LEU A 40 0.44 -13.91 -1.72
CA LEU A 40 1.06 -14.72 -2.78
C LEU A 40 2.30 -15.46 -2.27
N ALA A 41 3.09 -14.79 -1.43
CA ALA A 41 4.31 -15.41 -0.88
C ALA A 41 3.95 -16.60 0.02
N THR A 42 2.93 -16.41 0.86
CA THR A 42 2.43 -17.50 1.69
C THR A 42 1.93 -18.65 0.84
N ALA A 43 1.22 -18.35 -0.25
CA ALA A 43 0.73 -19.42 -1.12
C ALA A 43 1.90 -20.12 -1.80
N ALA A 44 2.95 -19.37 -2.12
CA ALA A 44 4.13 -19.93 -2.75
C ALA A 44 4.82 -20.94 -1.84
N ARG A 45 5.01 -20.56 -0.57
CA ARG A 45 5.61 -21.47 0.38
C ARG A 45 4.74 -22.71 0.57
N ALA A 46 3.43 -22.52 0.61
CA ALA A 46 2.51 -23.62 0.83
C ALA A 46 2.56 -24.59 -0.35
N ALA A 47 2.93 -24.07 -1.51
CA ALA A 47 3.04 -24.89 -2.72
C ALA A 47 4.39 -25.61 -2.78
N GLY A 48 5.24 -25.36 -1.79
CA GLY A 48 6.51 -26.06 -1.68
C GLY A 48 7.73 -25.25 -2.09
N HIS A 49 7.54 -23.96 -2.39
CA HIS A 49 8.66 -23.14 -2.83
C HIS A 49 9.39 -22.50 -1.66
N GLU A 50 10.67 -22.19 -1.87
CA GLU A 50 11.49 -21.52 -0.88
C GLU A 50 11.43 -20.02 -1.09
N VAL A 51 10.84 -19.31 -0.13
CA VAL A 51 10.60 -17.88 -0.29
C VAL A 51 11.63 -17.08 0.46
N THR A 52 12.29 -16.20 -0.29
CA THR A 52 13.16 -15.18 0.26
C THR A 52 12.45 -13.86 0.04
N PHE A 53 12.39 -13.02 1.07
CA PHE A 53 11.62 -11.79 0.95
C PHE A 53 12.47 -10.58 1.31
N ALA A 54 12.72 -9.72 0.32
CA ALA A 54 13.48 -8.51 0.54
C ALA A 54 12.57 -7.30 0.77
N THR A 55 12.81 -6.60 1.89
CA THR A 55 12.11 -5.37 2.21
C THR A 55 12.80 -4.71 3.41
N GLY A 56 12.14 -3.77 4.07
CA GLY A 56 12.72 -3.12 5.24
C GLY A 56 13.11 -4.10 6.35
N GLU A 57 14.19 -3.78 7.07
CA GLU A 57 14.67 -4.62 8.17
C GLU A 57 13.61 -4.88 9.23
N GLY A 58 12.76 -3.87 9.46
CA GLY A 58 11.72 -3.99 10.47
C GLY A 58 10.69 -5.09 10.25
N PHE A 59 10.64 -5.67 9.04
CA PHE A 59 9.68 -6.74 8.76
C PHE A 59 10.23 -8.15 9.01
N ALA A 60 11.50 -8.23 9.40
CA ALA A 60 12.17 -9.52 9.56
C ALA A 60 11.39 -10.49 10.43
N GLY A 61 10.89 -10.00 11.56
CA GLY A 61 10.15 -10.84 12.48
C GLY A 61 8.90 -11.39 11.82
N THR A 62 8.13 -10.51 11.17
CA THR A 62 6.91 -10.92 10.51
C THR A 62 7.23 -11.96 9.43
N LEU A 63 8.30 -11.70 8.68
CA LEU A 63 8.66 -12.59 7.58
C LEU A 63 9.10 -13.98 8.08
N ARG A 64 9.93 -14.01 9.11
N ARG A 64 9.92 -14.01 9.12
CA ARG A 64 10.37 -15.28 9.69
CA ARG A 64 10.36 -15.29 9.67
C ARG A 64 9.16 -16.08 10.18
C ARG A 64 9.15 -16.09 10.18
N LYS A 65 8.22 -15.41 10.83
CA LYS A 65 7.01 -16.07 11.32
C LYS A 65 6.24 -16.73 10.17
N LEU A 66 6.33 -16.16 8.98
CA LEU A 66 5.63 -16.73 7.83
C LEU A 66 6.44 -17.82 7.15
N GLY A 67 7.64 -18.08 7.69
CA GLY A 67 8.52 -19.11 7.15
C GLY A 67 9.34 -18.64 5.95
N PHE A 68 9.50 -17.32 5.82
CA PHE A 68 10.29 -16.76 4.72
C PHE A 68 11.69 -16.43 5.22
N GLU A 69 12.67 -16.43 4.32
CA GLU A 69 13.98 -15.90 4.67
C GLU A 69 14.02 -14.40 4.35
N PRO A 70 14.13 -13.57 5.39
CA PRO A 70 14.13 -12.11 5.23
C PRO A 70 15.46 -11.58 4.73
N VAL A 71 15.40 -10.55 3.90
CA VAL A 71 16.57 -9.84 3.42
C VAL A 71 16.27 -8.37 3.61
N ALA A 72 17.22 -7.61 4.13
CA ALA A 72 16.95 -6.20 4.43
C ALA A 72 17.41 -5.27 3.30
N THR A 73 16.48 -4.52 2.73
CA THR A 73 16.84 -3.55 1.70
C THR A 73 16.29 -2.17 2.04
N GLY A 74 16.81 -1.16 1.35
CA GLY A 74 16.27 0.19 1.46
C GLY A 74 17.01 1.02 2.48
N MSE A 75 16.49 2.22 2.74
CA MSE A 75 17.14 3.13 3.66
C MSE A 75 16.07 3.92 4.41
O MSE A 75 14.93 3.97 3.97
CB MSE A 75 18.03 4.10 2.89
CG MSE A 75 17.24 4.97 1.94
SE MSE A 75 18.43 6.20 0.98
CE MSE A 75 19.04 4.97 -0.41
N PRO A 76 16.44 4.55 5.54
CA PRO A 76 15.46 5.36 6.26
C PRO A 76 14.93 6.47 5.37
N VAL A 77 13.69 6.91 5.61
CA VAL A 77 13.09 7.97 4.80
C VAL A 77 13.99 9.20 4.73
N PHE A 78 14.53 9.60 5.87
CA PHE A 78 15.33 10.81 5.96
C PHE A 78 16.50 10.76 4.97
N ASP A 79 17.22 9.65 4.98
CA ASP A 79 18.39 9.53 4.11
C ASP A 79 18.02 9.68 2.64
N GLY A 80 16.81 9.23 2.28
CA GLY A 80 16.35 9.31 0.90
C GLY A 80 16.15 10.73 0.44
N PHE A 81 15.45 11.52 1.25
CA PHE A 81 15.20 12.92 0.90
C PHE A 81 16.46 13.77 1.01
N LEU A 82 17.36 13.43 1.93
CA LEU A 82 18.63 14.16 2.01
C LEU A 82 19.42 13.95 0.72
N ALA A 83 19.42 12.73 0.20
CA ALA A 83 20.15 12.45 -1.03
C ALA A 83 19.50 13.20 -2.21
N ALA A 84 18.18 13.24 -2.23
CA ALA A 84 17.45 13.90 -3.31
C ALA A 84 17.72 15.41 -3.31
N LEU A 85 17.70 15.97 -2.12
CA LEU A 85 18.00 17.38 -1.91
C LEU A 85 19.36 17.74 -2.47
N ARG A 86 20.37 16.90 -2.18
CA ARG A 86 21.72 17.13 -2.66
C ARG A 86 21.79 16.99 -4.17
N ILE A 87 21.16 15.95 -4.69
CA ILE A 87 21.17 15.70 -6.12
C ILE A 87 20.53 16.82 -6.93
N ARG A 88 19.37 17.28 -6.47
CA ARG A 88 18.56 18.22 -7.23
C ARG A 88 18.97 19.68 -6.95
N PHE A 89 19.24 20.00 -5.70
CA PHE A 89 19.45 21.38 -5.30
C PHE A 89 20.83 21.70 -4.71
N ASP A 90 21.71 20.70 -4.61
CA ASP A 90 23.05 20.91 -4.06
C ASP A 90 23.05 21.59 -2.70
N THR A 91 22.20 21.11 -1.81
CA THR A 91 22.14 21.65 -0.46
C THR A 91 21.75 20.52 0.49
N ASP A 92 22.03 20.68 1.78
CA ASP A 92 21.65 19.66 2.74
C ASP A 92 20.33 20.00 3.41
N SER A 93 19.84 21.20 3.16
CA SER A 93 18.67 21.72 3.88
C SER A 93 17.56 22.17 2.93
N PRO A 94 16.30 21.92 3.33
CA PRO A 94 15.12 22.37 2.55
C PRO A 94 14.86 23.86 2.69
N GLU A 95 15.42 24.49 3.71
CA GLU A 95 15.13 25.90 3.99
C GLU A 95 15.46 26.81 2.81
N GLY A 96 14.54 27.72 2.51
CA GLY A 96 14.74 28.67 1.42
C GLY A 96 14.21 28.14 0.11
N LEU A 97 13.80 26.88 0.09
CA LEU A 97 13.24 26.28 -1.11
C LEU A 97 11.72 26.40 -1.12
N THR A 98 11.18 26.81 -2.26
CA THR A 98 9.74 26.94 -2.42
C THR A 98 9.08 25.56 -2.35
N PRO A 99 7.84 25.51 -1.85
CA PRO A 99 7.07 24.25 -1.88
C PRO A 99 7.08 23.62 -3.26
N GLU A 100 7.15 24.43 -4.31
CA GLU A 100 7.22 23.91 -5.67
C GLU A 100 8.53 23.19 -5.94
N GLN A 101 9.61 23.78 -5.44
CA GLN A 101 10.93 23.15 -5.57
C GLN A 101 10.94 21.84 -4.80
N LEU A 102 10.38 21.87 -3.59
CA LEU A 102 10.35 20.69 -2.74
C LEU A 102 9.54 19.57 -3.34
N SER A 103 8.53 19.93 -4.14
CA SER A 103 7.67 18.93 -4.76
C SER A 103 8.44 18.22 -5.87
N GLU A 104 9.60 18.73 -6.22
CA GLU A 104 10.45 18.08 -7.22
C GLU A 104 11.25 16.90 -6.67
N LEU A 105 11.19 16.67 -5.35
CA LEU A 105 12.03 15.67 -4.70
C LEU A 105 11.53 14.21 -4.73
N PRO A 106 10.23 14.00 -4.50
CA PRO A 106 9.71 12.62 -4.49
C PRO A 106 10.07 11.79 -5.71
N GLN A 107 10.04 12.39 -6.90
CA GLN A 107 10.36 11.62 -8.10
C GLN A 107 11.79 11.14 -8.08
N ILE A 108 12.67 11.93 -7.47
CA ILE A 108 14.06 11.55 -7.35
C ILE A 108 14.22 10.50 -6.25
N VAL A 109 13.51 10.68 -5.14
CA VAL A 109 13.61 9.68 -4.08
C VAL A 109 13.17 8.31 -4.59
N PHE A 110 12.01 8.25 -5.25
CA PHE A 110 11.42 6.96 -5.64
C PHE A 110 11.86 6.40 -6.98
N GLY A 111 12.29 7.28 -7.89
CA GLY A 111 12.72 6.83 -9.20
C GLY A 111 14.22 6.71 -9.36
N ARG A 112 14.96 7.33 -8.44
CA ARG A 112 16.42 7.32 -8.54
C ARG A 112 17.14 6.77 -7.29
N VAL A 113 16.92 7.41 -6.15
CA VAL A 113 17.73 7.11 -4.95
C VAL A 113 17.45 5.72 -4.35
N ILE A 114 16.18 5.41 -4.13
CA ILE A 114 15.87 4.10 -3.55
C ILE A 114 16.21 2.97 -4.53
N PRO A 115 15.82 3.12 -5.81
CA PRO A 115 16.11 2.05 -6.77
C PRO A 115 17.60 1.78 -6.92
N GLN A 116 18.41 2.84 -6.93
CA GLN A 116 19.87 2.68 -6.96
C GLN A 116 20.33 1.84 -5.77
N ARG A 117 19.90 2.23 -4.57
CA ARG A 117 20.24 1.48 -3.36
C ARG A 117 19.78 0.02 -3.43
N VAL A 118 18.50 -0.19 -3.75
CA VAL A 118 17.96 -1.55 -3.83
C VAL A 118 18.66 -2.37 -4.91
N PHE A 119 18.87 -1.77 -6.07
CA PHE A 119 19.60 -2.46 -7.15
C PHE A 119 20.94 -2.98 -6.65
N ASP A 120 21.69 -2.12 -5.97
CA ASP A 120 23.00 -2.50 -5.45
C ASP A 120 22.92 -3.58 -4.36
N GLU A 121 21.98 -3.43 -3.44
CA GLU A 121 21.83 -4.42 -2.36
C GLU A 121 21.43 -5.81 -2.88
N LEU A 122 20.64 -5.87 -3.95
CA LEU A 122 20.16 -7.16 -4.46
C LEU A 122 21.19 -7.87 -5.35
N GLN A 123 22.21 -7.15 -5.78
CA GLN A 123 23.28 -7.76 -6.57
C GLN A 123 23.85 -9.00 -5.87
N PRO A 124 24.39 -8.85 -4.65
CA PRO A 124 24.92 -9.97 -3.86
C PRO A 124 23.86 -11.04 -3.56
N VAL A 125 22.66 -10.59 -3.22
CA VAL A 125 21.58 -11.52 -2.88
C VAL A 125 21.23 -12.42 -4.06
N ILE A 126 21.07 -11.84 -5.23
CA ILE A 126 20.69 -12.61 -6.41
C ILE A 126 21.84 -13.55 -6.80
N GLU A 127 23.06 -13.04 -6.69
CA GLU A 127 24.24 -13.82 -7.00
C GLU A 127 24.29 -15.10 -6.15
N ARG A 128 24.17 -14.95 -4.83
CA ARG A 128 24.26 -16.10 -3.95
C ARG A 128 23.01 -16.99 -3.94
N LEU A 129 21.84 -16.40 -4.15
CA LEU A 129 20.59 -17.17 -4.07
C LEU A 129 20.26 -17.90 -5.37
N ARG A 130 20.61 -17.31 -6.51
CA ARG A 130 20.26 -17.92 -7.80
C ARG A 130 18.75 -18.19 -7.87
N PRO A 131 17.94 -17.16 -7.63
CA PRO A 131 16.48 -17.41 -7.65
C PRO A 131 15.99 -17.84 -9.03
N ASP A 132 14.96 -18.67 -9.06
CA ASP A 132 14.31 -19.07 -10.30
C ASP A 132 13.33 -17.99 -10.78
N LEU A 133 12.84 -17.19 -9.85
CA LEU A 133 11.86 -16.18 -10.19
C LEU A 133 11.96 -15.03 -9.22
N VAL A 134 11.78 -13.80 -9.71
CA VAL A 134 11.65 -12.64 -8.86
C VAL A 134 10.22 -12.09 -8.94
N VAL A 135 9.61 -11.85 -7.79
CA VAL A 135 8.34 -11.13 -7.71
C VAL A 135 8.63 -9.71 -7.21
N GLN A 136 8.56 -8.75 -8.14
CA GLN A 136 8.92 -7.37 -7.86
C GLN A 136 7.66 -6.54 -7.58
N GLU A 137 7.55 -5.98 -6.39
CA GLU A 137 6.47 -5.03 -6.10
C GLU A 137 6.59 -3.83 -7.05
N ILE A 138 5.47 -3.38 -7.59
CA ILE A 138 5.46 -2.38 -8.66
C ILE A 138 6.37 -1.14 -8.43
N SER A 139 6.30 -0.55 -7.25
CA SER A 139 7.09 0.66 -6.95
C SER A 139 8.54 0.38 -6.60
N ASN A 140 8.91 -0.90 -6.47
CA ASN A 140 10.28 -1.26 -6.12
C ASN A 140 11.12 -1.45 -7.38
N TYR A 141 11.28 -0.37 -8.15
CA TYR A 141 11.94 -0.44 -9.47
C TYR A 141 13.34 -1.03 -9.43
N GLY A 142 14.07 -0.78 -8.36
CA GLY A 142 15.42 -1.29 -8.24
C GLY A 142 15.49 -2.80 -8.31
N ALA A 143 14.48 -3.46 -7.78
CA ALA A 143 14.46 -4.92 -7.82
C ALA A 143 14.24 -5.43 -9.25
N GLY A 144 13.39 -4.73 -10.01
CA GLY A 144 13.19 -5.10 -11.40
C GLY A 144 14.45 -4.92 -12.22
N LEU A 145 15.17 -3.83 -11.98
CA LEU A 145 16.46 -3.62 -12.66
C LEU A 145 17.47 -4.67 -12.26
N ALA A 146 17.51 -5.02 -10.99
CA ALA A 146 18.47 -6.03 -10.54
C ALA A 146 18.19 -7.38 -11.21
N ALA A 147 16.90 -7.72 -11.34
CA ALA A 147 16.54 -9.00 -11.95
C ALA A 147 16.84 -8.99 -13.45
N LEU A 148 16.59 -7.85 -14.08
CA LEU A 148 16.93 -7.67 -15.48
C LEU A 148 18.42 -7.84 -15.68
N LYS A 149 19.20 -7.17 -14.84
CA LYS A 149 20.65 -7.26 -14.91
C LYS A 149 21.13 -8.70 -14.84
N ALA A 150 20.56 -9.49 -13.92
CA ALA A 150 21.03 -10.86 -13.72
C ALA A 150 20.32 -11.86 -14.62
N GLY A 151 19.41 -11.37 -15.44
CA GLY A 151 18.64 -12.22 -16.33
C GLY A 151 17.68 -13.18 -15.65
N ILE A 152 17.14 -12.82 -14.50
CA ILE A 152 16.18 -13.69 -13.81
C ILE A 152 14.75 -13.40 -14.26
N PRO A 153 14.00 -14.45 -14.62
CA PRO A 153 12.57 -14.25 -14.93
C PRO A 153 11.86 -13.49 -13.79
N THR A 154 11.04 -12.51 -14.15
CA THR A 154 10.45 -11.63 -13.17
C THR A 154 8.98 -11.39 -13.46
N ILE A 155 8.18 -11.21 -12.42
CA ILE A 155 6.83 -10.72 -12.61
C ILE A 155 6.66 -9.51 -11.69
N CYS A 156 5.73 -8.63 -12.04
CA CYS A 156 5.52 -7.39 -11.30
C CYS A 156 4.23 -7.54 -10.50
N HIS A 157 4.26 -7.21 -9.21
CA HIS A 157 3.09 -7.39 -8.35
C HIS A 157 2.54 -6.02 -7.94
N GLY A 158 1.33 -5.70 -8.37
CA GLY A 158 0.72 -4.41 -8.04
C GLY A 158 0.33 -4.31 -6.57
N VAL A 159 0.05 -3.09 -6.12
CA VAL A 159 -0.44 -2.87 -4.77
C VAL A 159 -1.75 -2.11 -4.80
N GLY A 160 -2.11 -1.60 -5.97
CA GLY A 160 -3.32 -0.81 -6.07
C GLY A 160 -3.73 -0.53 -7.51
N ARG A 161 -4.32 0.65 -7.71
CA ARG A 161 -4.82 1.03 -9.03
C ARG A 161 -3.66 1.49 -9.90
N ASP A 162 -3.75 1.28 -11.21
CA ASP A 162 -2.77 1.91 -12.08
C ASP A 162 -2.95 3.42 -11.92
N THR A 163 -1.87 4.17 -11.88
CA THR A 163 -1.93 5.61 -11.67
C THR A 163 -1.20 6.37 -12.76
N PRO A 164 -1.87 6.64 -13.88
CA PRO A 164 -1.15 7.36 -14.93
C PRO A 164 -1.12 8.86 -14.64
N ASP A 165 -0.46 9.27 -13.57
CA ASP A 165 -0.47 10.69 -13.15
C ASP A 165 0.90 11.34 -13.30
N ASP A 166 0.97 12.65 -13.08
CA ASP A 166 2.23 13.36 -13.27
C ASP A 166 3.36 12.81 -12.39
N LEU A 167 3.07 12.53 -11.13
CA LEU A 167 4.11 12.05 -10.24
C LEU A 167 4.72 10.72 -10.72
N THR A 168 3.86 9.80 -11.16
CA THR A 168 4.33 8.51 -11.64
C THR A 168 5.17 8.65 -12.92
N ARG A 169 4.72 9.50 -13.84
CA ARG A 169 5.50 9.77 -15.05
C ARG A 169 6.88 10.36 -14.70
N SER A 170 6.91 11.25 -13.71
CA SER A 170 8.19 11.81 -13.27
C SER A 170 9.11 10.76 -12.66
N ILE A 171 8.54 9.90 -11.82
CA ILE A 171 9.31 8.83 -11.22
C ILE A 171 9.88 7.91 -12.30
N GLU A 172 9.07 7.62 -13.31
CA GLU A 172 9.47 6.70 -14.37
C GLU A 172 10.59 7.27 -15.23
N GLU A 173 10.57 8.59 -15.40
CA GLU A 173 11.64 9.28 -16.11
C GLU A 173 12.96 9.11 -15.35
N GLU A 174 12.93 9.26 -14.03
CA GLU A 174 14.11 9.00 -13.21
C GLU A 174 14.58 7.55 -13.34
N VAL A 175 13.63 6.61 -13.34
CA VAL A 175 13.97 5.20 -13.50
C VAL A 175 14.67 4.91 -14.83
N ARG A 176 14.15 5.46 -15.92
CA ARG A 176 14.78 5.30 -17.23
C ARG A 176 16.19 5.90 -17.22
N GLY A 177 16.34 7.06 -16.60
CA GLY A 177 17.64 7.69 -16.46
C GLY A 177 18.61 6.79 -15.71
N LEU A 178 18.13 6.23 -14.59
CA LEU A 178 18.94 5.31 -13.82
C LEU A 178 19.33 4.06 -14.64
N ALA A 179 18.36 3.45 -15.30
CA ALA A 179 18.64 2.25 -16.09
C ALA A 179 19.74 2.52 -17.11
N GLN A 180 19.65 3.68 -17.76
CA GLN A 180 20.64 4.06 -18.75
C GLN A 180 22.04 4.14 -18.10
N ARG A 181 22.13 4.74 -16.92
CA ARG A 181 23.40 4.84 -16.22
C ARG A 181 23.91 3.46 -15.79
N LEU A 182 23.02 2.52 -15.53
CA LEU A 182 23.43 1.17 -15.15
C LEU A 182 23.73 0.31 -16.37
N GLY A 183 23.58 0.87 -17.58
CA GLY A 183 23.86 0.14 -18.80
C GLY A 183 22.75 -0.83 -19.17
N LEU A 184 21.56 -0.58 -18.64
CA LEU A 184 20.41 -1.43 -18.90
C LEU A 184 19.46 -0.71 -19.87
N ASP A 185 19.23 -1.33 -21.02
CA ASP A 185 18.42 -0.71 -22.05
C ASP A 185 16.93 -0.86 -21.73
N LEU A 186 16.21 0.26 -21.62
CA LEU A 186 14.74 0.19 -21.49
C LEU A 186 14.05 0.83 -22.69
N PRO A 187 12.88 0.29 -23.06
CA PRO A 187 12.13 0.90 -24.17
C PRO A 187 11.74 2.32 -23.79
N PRO A 188 11.50 3.17 -24.79
CA PRO A 188 10.92 4.46 -24.46
C PRO A 188 9.49 4.23 -24.00
N GLY A 189 8.94 5.17 -23.26
CA GLY A 189 7.56 5.07 -22.81
C GLY A 189 7.46 4.53 -21.40
N ARG A 190 6.22 4.26 -20.99
N ARG A 190 6.23 4.27 -20.97
CA ARG A 190 5.93 3.77 -19.65
CA ARG A 190 5.98 3.86 -19.60
C ARG A 190 6.90 2.68 -19.19
C ARG A 190 6.86 2.69 -19.18
N ILE A 191 7.16 2.62 -17.88
CA ILE A 191 7.96 1.52 -17.35
C ILE A 191 7.18 0.21 -17.51
N ASP A 192 5.87 0.26 -17.24
CA ASP A 192 4.98 -0.88 -17.51
C ASP A 192 5.51 -2.19 -16.92
N GLY A 193 5.93 -2.15 -15.67
CA GLY A 193 6.43 -3.35 -15.00
C GLY A 193 7.59 -4.01 -15.73
N PHE A 194 8.34 -3.20 -16.50
CA PHE A 194 9.45 -3.72 -17.30
C PHE A 194 9.01 -4.77 -18.32
N GLY A 195 7.77 -4.67 -18.77
CA GLY A 195 7.25 -5.55 -19.79
C GLY A 195 6.96 -6.96 -19.31
N ASN A 196 7.02 -7.17 -18.00
CA ASN A 196 6.84 -8.50 -17.44
C ASN A 196 5.37 -8.84 -17.18
N PRO A 197 5.06 -10.12 -16.95
CA PRO A 197 3.69 -10.43 -16.53
C PRO A 197 3.39 -9.63 -15.26
N PHE A 198 2.14 -9.21 -15.10
CA PHE A 198 1.77 -8.33 -14.01
C PHE A 198 0.64 -8.97 -13.20
N ILE A 199 0.79 -8.98 -11.88
CA ILE A 199 -0.23 -9.50 -10.99
C ILE A 199 -1.02 -8.30 -10.47
N ASP A 200 -2.30 -8.21 -10.83
CA ASP A 200 -3.10 -7.03 -10.55
C ASP A 200 -4.15 -7.36 -9.49
N ILE A 201 -4.08 -6.67 -8.36
CA ILE A 201 -5.00 -6.93 -7.25
C ILE A 201 -6.10 -5.91 -7.14
N PHE A 202 -6.19 -4.98 -8.09
CA PHE A 202 -7.28 -4.01 -8.04
C PHE A 202 -8.58 -4.58 -8.64
N PRO A 203 -9.73 -4.32 -8.00
CA PRO A 203 -10.99 -4.78 -8.59
C PRO A 203 -11.05 -4.37 -10.06
N PRO A 204 -11.21 -5.34 -10.99
CA PRO A 204 -11.14 -5.05 -12.42
C PRO A 204 -12.06 -3.91 -12.87
N SER A 205 -13.30 -3.86 -12.39
CA SER A 205 -14.22 -2.79 -12.81
C SER A 205 -13.72 -1.39 -12.48
N LEU A 206 -12.89 -1.29 -11.44
CA LEU A 206 -12.40 0.00 -10.97
C LEU A 206 -10.99 0.34 -11.46
N GLN A 207 -10.38 -0.60 -12.18
CA GLN A 207 -9.04 -0.42 -12.72
C GLN A 207 -9.08 0.49 -13.93
N GLU A 208 -8.04 1.27 -14.17
CA GLU A 208 -7.96 2.01 -15.45
C GLU A 208 -8.23 1.04 -16.59
N PRO A 209 -9.06 1.47 -17.57
CA PRO A 209 -9.41 0.62 -18.71
C PRO A 209 -8.21 0.20 -19.54
N GLU A 210 -7.27 1.11 -19.77
CA GLU A 210 -6.08 0.77 -20.58
C GLU A 210 -5.22 -0.29 -19.88
N PHE A 211 -5.01 -0.12 -18.58
CA PHE A 211 -4.21 -1.10 -17.87
C PHE A 211 -4.92 -2.46 -17.80
N ARG A 212 -6.24 -2.41 -17.63
N ARG A 212 -6.23 -2.42 -17.61
CA ARG A 212 -7.03 -3.63 -17.54
CA ARG A 212 -7.02 -3.66 -17.56
C ARG A 212 -6.89 -4.46 -18.81
C ARG A 212 -6.81 -4.48 -18.81
N ALA A 213 -6.70 -3.80 -19.95
CA ALA A 213 -6.52 -4.49 -21.22
C ALA A 213 -5.06 -4.88 -21.55
N ARG A 214 -4.14 -4.60 -20.63
CA ARG A 214 -2.73 -4.94 -20.84
C ARG A 214 -2.48 -6.44 -21.07
N PRO A 215 -1.65 -6.79 -22.06
CA PRO A 215 -1.24 -8.19 -22.21
C PRO A 215 -0.50 -8.70 -20.97
N ARG A 216 -0.60 -10.00 -20.73
CA ARG A 216 0.13 -10.68 -19.67
C ARG A 216 -0.19 -10.13 -18.29
N ARG A 217 -1.45 -9.76 -18.10
CA ARG A 217 -1.96 -9.28 -16.82
C ARG A 217 -2.78 -10.38 -16.15
N HIS A 218 -2.56 -10.59 -14.86
CA HIS A 218 -3.27 -11.66 -14.17
C HIS A 218 -3.91 -11.14 -12.89
N GLU A 219 -5.19 -11.42 -12.72
CA GLU A 219 -5.92 -10.97 -11.54
C GLU A 219 -5.51 -11.76 -10.31
N LEU A 220 -5.45 -11.08 -9.18
CA LEU A 220 -5.24 -11.73 -7.89
C LEU A 220 -6.05 -10.99 -6.82
N ARG A 221 -6.86 -11.73 -6.07
CA ARG A 221 -7.70 -11.14 -5.04
C ARG A 221 -6.83 -10.37 -4.05
N PRO A 222 -7.23 -9.13 -3.71
CA PRO A 222 -6.40 -8.38 -2.75
C PRO A 222 -6.68 -8.82 -1.30
N VAL A 223 -6.07 -9.94 -0.93
CA VAL A 223 -6.23 -10.50 0.41
C VAL A 223 -5.52 -9.61 1.43
N PRO A 224 -6.26 -9.21 2.46
CA PRO A 224 -5.68 -8.35 3.51
C PRO A 224 -4.74 -9.17 4.39
N PHE A 225 -3.75 -8.53 5.00
N PHE A 225 -3.85 -8.48 5.11
CA PHE A 225 -2.73 -9.30 5.71
CA PHE A 225 -2.89 -9.12 5.99
C PHE A 225 -3.28 -9.91 6.99
C PHE A 225 -2.74 -8.37 7.32
N ALA A 226 -3.29 -11.24 7.05
N ALA A 226 -2.65 -9.11 8.42
CA ALA A 226 -3.82 -11.93 8.22
CA ALA A 226 -2.48 -8.50 9.74
C ALA A 226 -2.76 -12.06 9.31
C ALA A 226 -1.45 -9.21 10.61
N GLU A 227 -2.93 -11.28 10.38
N GLU A 227 -0.61 -8.42 11.27
CA GLU A 227 -2.04 -11.35 11.52
CA GLU A 227 0.37 -8.95 12.22
C GLU A 227 -2.82 -11.89 12.71
C GLU A 227 -0.33 -9.56 13.42
N GLN A 228 -2.20 -12.78 13.48
N GLN A 228 0.25 -10.61 13.98
CA GLN A 228 -2.90 -13.47 14.57
CA GLN A 228 -0.34 -11.27 15.13
C GLN A 228 -3.03 -12.63 15.84
C GLN A 228 -0.62 -10.26 16.23
N GLY A 229 -2.91 -11.32 15.71
N GLY A 229 -1.74 -10.45 16.92
CA GLY A 229 -2.96 -10.43 16.85
CA GLY A 229 -2.17 -9.55 17.98
C GLY A 229 -4.36 -10.28 17.42
C GLY A 229 -3.68 -9.49 18.01
N ASP A 230 -4.43 -9.87 18.69
N ASP A 230 -4.26 -9.69 19.19
CA ASP A 230 -5.70 -9.66 19.38
CA ASP A 230 -5.71 -9.68 19.33
C ASP A 230 -6.31 -8.30 19.03
C ASP A 230 -6.33 -8.31 19.10
N LEU A 231 -7.63 -8.30 18.87
CA LEU A 231 -8.38 -7.06 18.74
C LEU A 231 -8.44 -6.44 20.13
N PRO A 232 -8.54 -5.11 20.20
CA PRO A 232 -8.75 -4.38 21.46
C PRO A 232 -9.91 -4.97 22.28
N ALA A 233 -9.69 -5.09 23.60
CA ALA A 233 -10.65 -5.75 24.48
C ALA A 233 -12.01 -5.03 24.59
N TRP A 234 -12.00 -3.70 24.56
CA TRP A 234 -13.25 -2.96 24.74
C TRP A 234 -14.27 -3.30 23.65
N LEU A 235 -13.80 -3.74 22.49
CA LEU A 235 -14.69 -4.09 21.39
C LEU A 235 -15.68 -5.19 21.78
N SER A 236 -15.23 -6.12 22.61
CA SER A 236 -16.07 -7.24 23.03
C SER A 236 -17.21 -6.86 23.95
N SER A 237 -17.12 -5.69 24.57
CA SER A 237 -18.22 -5.26 25.46
C SER A 237 -18.90 -3.98 24.99
N ARG A 238 -18.51 -3.46 23.82
CA ARG A 238 -19.17 -2.27 23.31
C ARG A 238 -20.64 -2.54 22.98
N ASP A 239 -21.44 -1.48 23.01
CA ASP A 239 -22.85 -1.53 22.64
C ASP A 239 -23.00 -1.58 21.11
N THR A 240 -23.18 -2.77 20.56
CA THR A 240 -23.21 -2.94 19.10
C THR A 240 -24.46 -2.38 18.43
N ALA A 241 -25.36 -1.77 19.19
CA ALA A 241 -26.45 -1.04 18.56
C ALA A 241 -25.90 0.26 17.98
N ARG A 242 -24.73 0.68 18.43
CA ARG A 242 -24.07 1.88 17.90
C ARG A 242 -23.12 1.52 16.78
N PRO A 243 -23.02 2.40 15.77
CA PRO A 243 -22.03 2.19 14.71
C PRO A 243 -20.61 2.27 15.25
N LEU A 244 -19.72 1.51 14.63
CA LEU A 244 -18.30 1.59 14.97
C LEU A 244 -17.57 2.26 13.82
N VAL A 245 -16.89 3.36 14.11
CA VAL A 245 -16.14 4.09 13.10
C VAL A 245 -14.66 3.90 13.36
N TYR A 246 -13.91 3.62 12.30
CA TYR A 246 -12.47 3.40 12.38
C TYR A 246 -11.74 4.53 11.66
N LEU A 247 -10.87 5.24 12.38
CA LEU A 247 -10.11 6.33 11.78
C LEU A 247 -8.62 6.00 11.78
N THR A 248 -7.98 6.11 10.63
CA THR A 248 -6.55 5.84 10.52
C THR A 248 -5.96 6.73 9.43
N LEU A 249 -4.68 7.03 9.53
CA LEU A 249 -4.03 7.83 8.51
C LEU A 249 -2.84 7.11 7.88
N GLY A 250 -2.82 5.80 8.01
CA GLY A 250 -1.78 4.98 7.42
C GLY A 250 -0.55 4.91 8.29
N THR A 251 0.57 4.50 7.70
CA THR A 251 1.82 4.37 8.43
C THR A 251 2.89 5.27 7.83
N SER A 252 2.62 5.80 6.65
CA SER A 252 3.60 6.59 5.93
C SER A 252 3.17 8.05 5.74
N SER A 253 3.16 8.80 6.83
CA SER A 253 2.90 10.24 6.80
C SER A 253 1.82 10.64 5.78
N GLY A 254 0.73 9.88 5.75
CA GLY A 254 -0.38 10.17 4.86
C GLY A 254 -1.26 11.28 5.39
N GLY A 255 -0.88 11.84 6.53
CA GLY A 255 -1.65 12.91 7.15
C GLY A 255 -0.94 13.58 8.31
N THR A 256 -1.49 14.70 8.76
CA THR A 256 -0.92 15.46 9.87
C THR A 256 -1.81 15.40 11.10
N VAL A 257 -1.25 15.74 12.26
CA VAL A 257 -2.01 15.76 13.51
C VAL A 257 -3.19 16.71 13.43
N GLU A 258 -3.01 17.81 12.69
CA GLU A 258 -4.10 18.76 12.48
C GLU A 258 -5.29 18.06 11.85
N VAL A 259 -5.02 17.32 10.77
CA VAL A 259 -6.05 16.53 10.11
C VAL A 259 -6.70 15.58 11.10
N LEU A 260 -5.87 14.89 11.88
CA LEU A 260 -6.36 13.89 12.83
C LEU A 260 -7.35 14.49 13.82
N ARG A 261 -6.92 15.54 14.51
CA ARG A 261 -7.77 16.22 15.48
C ARG A 261 -9.09 16.64 14.84
N ALA A 262 -9.00 17.22 13.65
CA ALA A 262 -10.19 17.64 12.91
C ALA A 262 -11.14 16.46 12.69
N ALA A 263 -10.60 15.31 12.33
CA ALA A 263 -11.41 14.13 12.06
C ALA A 263 -12.04 13.62 13.35
N ILE A 264 -11.22 13.52 14.39
CA ILE A 264 -11.69 13.06 15.68
C ILE A 264 -12.85 13.90 16.19
N ASP A 265 -12.71 15.22 16.09
CA ASP A 265 -13.73 16.12 16.58
C ASP A 265 -15.01 16.05 15.76
N GLY A 266 -14.85 15.81 14.45
CA GLY A 266 -16.01 15.70 13.58
C GLY A 266 -16.75 14.38 13.79
N LEU A 267 -15.99 13.33 14.11
CA LEU A 267 -16.57 12.00 14.28
C LEU A 267 -17.11 11.77 15.69
N ALA A 268 -16.45 12.37 16.68
CA ALA A 268 -16.82 12.16 18.08
C ALA A 268 -18.24 12.61 18.39
N GLY A 269 -18.72 13.60 17.63
CA GLY A 269 -20.08 14.08 17.80
C GLY A 269 -21.14 13.02 17.52
N LEU A 270 -20.85 12.13 16.58
CA LEU A 270 -21.85 11.15 16.17
C LEU A 270 -22.22 10.23 17.33
N ASP A 271 -23.37 9.56 17.23
CA ASP A 271 -23.74 8.57 18.22
C ASP A 271 -23.02 7.26 17.89
N ALA A 272 -21.70 7.26 17.99
CA ALA A 272 -20.93 6.13 17.52
C ALA A 272 -19.69 5.88 18.39
N ASP A 273 -19.15 4.67 18.31
CA ASP A 273 -17.85 4.39 18.91
C ASP A 273 -16.79 4.62 17.84
N VAL A 274 -15.66 5.21 18.23
CA VAL A 274 -14.63 5.59 17.28
C VAL A 274 -13.28 5.00 17.68
N LEU A 275 -12.79 4.06 16.87
CA LEU A 275 -11.47 3.48 17.09
C LEU A 275 -10.44 4.18 16.20
N VAL A 276 -9.45 4.80 16.83
CA VAL A 276 -8.40 5.50 16.11
C VAL A 276 -7.10 4.73 16.21
N ALA A 277 -6.47 4.45 15.07
CA ALA A 277 -5.13 3.87 15.07
C ALA A 277 -4.16 4.85 14.45
N SER A 278 -3.33 5.46 15.29
CA SER A 278 -2.46 6.55 14.89
C SER A 278 -1.24 6.12 14.08
N GLY A 279 -0.84 4.86 14.20
CA GLY A 279 0.30 4.34 13.47
C GLY A 279 1.63 4.58 14.15
N PRO A 280 2.70 3.98 13.62
CA PRO A 280 4.05 4.05 14.19
C PRO A 280 4.75 5.41 13.98
N SER A 281 4.58 6.00 12.80
CA SER A 281 5.34 7.19 12.44
C SER A 281 4.62 8.51 12.71
N LEU A 282 3.49 8.45 13.39
CA LEU A 282 2.78 9.67 13.76
C LEU A 282 2.78 9.88 15.26
N ASP A 283 3.51 10.91 15.69
CA ASP A 283 3.52 11.27 17.10
C ASP A 283 2.44 12.32 17.35
N VAL A 284 1.45 11.94 18.14
CA VAL A 284 0.38 12.85 18.51
C VAL A 284 0.49 13.15 19.99
N SER A 285 1.65 12.83 20.56
CA SER A 285 1.86 12.89 21.99
C SER A 285 1.17 14.09 22.65
N GLY A 286 1.15 15.21 21.93
CA GLY A 286 0.40 16.38 22.38
C GLY A 286 -0.86 16.54 21.57
N LEU A 287 -1.72 15.51 21.62
CA LEU A 287 -2.96 15.49 20.84
C LEU A 287 -4.09 16.15 21.60
N GLY A 288 -4.03 16.03 22.93
CA GLY A 288 -5.10 16.53 23.78
C GLY A 288 -6.05 15.43 24.19
N GLU A 289 -6.97 15.76 25.10
CA GLU A 289 -7.95 14.80 25.59
C GLU A 289 -9.03 14.56 24.54
N VAL A 290 -9.59 13.35 24.54
CA VAL A 290 -10.63 12.99 23.58
C VAL A 290 -11.85 12.42 24.30
N PRO A 291 -13.04 12.62 23.72
CA PRO A 291 -14.30 12.15 24.32
C PRO A 291 -14.26 10.67 24.67
N ALA A 292 -15.17 10.24 25.53
CA ALA A 292 -15.16 8.88 26.05
C ALA A 292 -15.43 7.83 24.99
N ASN A 293 -16.14 8.22 23.93
CA ASN A 293 -16.49 7.30 22.87
C ASN A 293 -15.36 7.13 21.85
N VAL A 294 -14.24 7.81 22.09
CA VAL A 294 -13.08 7.68 21.23
C VAL A 294 -12.00 6.85 21.92
N ARG A 295 -11.55 5.78 21.26
CA ARG A 295 -10.51 4.92 21.82
C ARG A 295 -9.26 4.96 20.94
N LEU A 296 -8.15 5.41 21.50
CA LEU A 296 -6.90 5.54 20.75
C LEU A 296 -6.00 4.33 20.87
N GLU A 297 -5.66 3.73 19.74
CA GLU A 297 -4.69 2.64 19.71
C GLU A 297 -3.48 3.10 18.91
N SER A 298 -2.32 2.49 19.17
CA SER A 298 -1.13 2.79 18.38
C SER A 298 -1.17 1.97 17.10
N TRP A 299 -1.55 0.69 17.23
CA TRP A 299 -1.56 -0.23 16.12
C TRP A 299 -2.65 -1.26 16.34
N VAL A 300 -3.32 -1.67 15.27
CA VAL A 300 -4.35 -2.69 15.36
C VAL A 300 -4.21 -3.69 14.23
N PRO A 301 -4.80 -4.88 14.39
CA PRO A 301 -4.83 -5.84 13.28
C PRO A 301 -5.92 -5.44 12.31
N GLN A 302 -5.59 -4.53 11.38
CA GLN A 302 -6.62 -3.89 10.58
C GLN A 302 -7.47 -4.93 9.86
N ALA A 303 -6.81 -5.90 9.24
CA ALA A 303 -7.51 -6.96 8.54
C ALA A 303 -8.59 -7.58 9.41
N ALA A 304 -8.24 -7.85 10.67
CA ALA A 304 -9.17 -8.47 11.61
C ALA A 304 -10.26 -7.51 12.07
N LEU A 305 -9.96 -6.22 12.07
CA LEU A 305 -10.91 -5.22 12.55
C LEU A 305 -12.02 -4.87 11.56
N LEU A 306 -11.65 -4.65 10.30
CA LEU A 306 -12.55 -4.05 9.32
C LEU A 306 -13.93 -4.67 9.20
N PRO A 307 -14.04 -6.00 9.31
CA PRO A 307 -15.35 -6.63 9.22
C PRO A 307 -16.33 -6.20 10.32
N HIS A 308 -15.84 -5.54 11.35
CA HIS A 308 -16.70 -5.17 12.49
C HIS A 308 -17.06 -3.69 12.48
N VAL A 309 -16.66 -3.02 11.41
CA VAL A 309 -16.68 -1.56 11.34
C VAL A 309 -17.81 -1.12 10.43
N ASP A 310 -18.40 0.04 10.70
CA ASP A 310 -19.46 0.57 9.85
C ASP A 310 -18.99 1.69 8.90
N LEU A 311 -17.89 2.33 9.26
CA LEU A 311 -17.33 3.38 8.43
C LEU A 311 -15.82 3.41 8.64
N VAL A 312 -15.08 3.43 7.54
CA VAL A 312 -13.64 3.64 7.61
C VAL A 312 -13.32 5.05 7.14
N VAL A 313 -12.67 5.83 8.01
CA VAL A 313 -12.24 7.17 7.66
C VAL A 313 -10.73 7.18 7.61
N HIS A 314 -10.17 7.60 6.47
CA HIS A 314 -8.73 7.45 6.30
C HIS A 314 -8.13 8.38 5.25
N HIS A 315 -6.84 8.22 5.00
CA HIS A 315 -6.09 9.15 4.15
C HIS A 315 -6.15 8.74 2.70
N GLY A 316 -6.59 7.50 2.45
CA GLY A 316 -6.81 7.06 1.09
C GLY A 316 -5.74 6.13 0.58
N GLY A 317 -4.99 5.54 1.50
CA GLY A 317 -3.98 4.55 1.14
C GLY A 317 -4.60 3.33 0.46
N SER A 318 -3.81 2.62 -0.34
CA SER A 318 -4.35 1.51 -1.10
C SER A 318 -4.78 0.33 -0.24
N GLY A 319 -3.98 0.02 0.78
CA GLY A 319 -4.27 -1.11 1.64
C GLY A 319 -5.61 -0.95 2.35
N THR A 320 -5.82 0.25 2.88
CA THR A 320 -7.03 0.55 3.63
C THR A 320 -8.22 0.71 2.68
N THR A 321 -7.98 1.31 1.51
CA THR A 321 -9.02 1.40 0.49
C THR A 321 -9.52 0.00 0.12
N LEU A 322 -8.59 -0.91 -0.17
CA LEU A 322 -8.92 -2.24 -0.62
C LEU A 322 -9.49 -3.09 0.52
N GLY A 323 -9.01 -2.86 1.73
CA GLY A 323 -9.56 -3.54 2.89
C GLY A 323 -11.01 -3.14 3.10
N ALA A 324 -11.31 -1.86 3.05
CA ALA A 324 -12.69 -1.43 3.26
C ALA A 324 -13.58 -1.97 2.15
N LEU A 325 -13.14 -1.84 0.90
CA LEU A 325 -13.90 -2.41 -0.22
C LEU A 325 -14.09 -3.92 -0.09
N GLY A 326 -13.05 -4.62 0.32
CA GLY A 326 -13.11 -6.06 0.46
C GLY A 326 -14.11 -6.47 1.55
N ALA A 327 -14.26 -5.62 2.56
CA ALA A 327 -15.13 -5.92 3.69
C ALA A 327 -16.55 -5.36 3.48
N GLY A 328 -16.77 -4.68 2.35
CA GLY A 328 -18.07 -4.08 2.09
C GLY A 328 -18.42 -2.91 3.00
N VAL A 329 -17.40 -2.20 3.48
CA VAL A 329 -17.62 -1.06 4.36
C VAL A 329 -17.41 0.29 3.65
N PRO A 330 -18.40 1.21 3.77
CA PRO A 330 -18.26 2.56 3.19
C PRO A 330 -17.04 3.25 3.76
N GLN A 331 -16.43 4.12 2.96
CA GLN A 331 -15.21 4.77 3.42
C GLN A 331 -15.21 6.25 3.07
N LEU A 332 -14.62 7.04 3.94
CA LEU A 332 -14.46 8.47 3.74
C LEU A 332 -12.97 8.70 3.72
N SER A 333 -12.44 9.28 2.65
CA SER A 333 -11.00 9.51 2.59
C SER A 333 -10.63 10.98 2.46
N PHE A 334 -9.39 11.28 2.84
CA PHE A 334 -8.83 12.62 2.76
C PHE A 334 -7.63 12.57 1.81
N PRO A 335 -7.88 12.48 0.51
CA PRO A 335 -6.78 12.20 -0.42
C PRO A 335 -5.78 13.34 -0.46
N TRP A 336 -4.52 13.01 -0.28
CA TRP A 336 -3.45 13.97 -0.22
C TRP A 336 -2.17 13.54 -0.97
N ALA A 337 -1.52 12.48 -0.50
CA ALA A 337 -0.28 11.92 -1.09
C ALA A 337 -0.38 10.57 -1.81
N GLY A 338 0.59 10.32 -2.68
CA GLY A 338 0.71 9.07 -3.42
C GLY A 338 -0.43 8.75 -4.37
N ASP A 339 -1.03 7.57 -4.20
CA ASP A 339 -2.12 7.14 -5.06
C ASP A 339 -3.52 7.39 -4.46
N SER A 340 -3.59 8.24 -3.43
CA SER A 340 -4.84 8.46 -2.71
C SER A 340 -5.95 9.09 -3.56
N PHE A 341 -5.58 9.95 -4.49
CA PHE A 341 -6.57 10.55 -5.36
C PHE A 341 -7.12 9.53 -6.35
N ALA A 342 -6.24 8.69 -6.89
CA ALA A 342 -6.70 7.59 -7.73
C ALA A 342 -7.65 6.66 -6.96
N ASN A 343 -7.39 6.44 -5.67
CA ASN A 343 -8.27 5.59 -4.89
C ASN A 343 -9.63 6.26 -4.66
N ALA A 344 -9.60 7.53 -4.31
CA ALA A 344 -10.83 8.28 -4.08
C ALA A 344 -11.69 8.22 -5.33
N GLN A 345 -11.03 8.37 -6.48
CA GLN A 345 -11.72 8.36 -7.76
C GLN A 345 -12.43 7.03 -7.97
N ALA A 346 -11.72 5.94 -7.68
CA ALA A 346 -12.26 4.59 -7.83
C ALA A 346 -13.41 4.33 -6.85
N VAL A 347 -13.26 4.81 -5.63
CA VAL A 347 -14.30 4.63 -4.62
C VAL A 347 -15.55 5.40 -5.05
N ALA A 348 -15.36 6.63 -5.53
CA ALA A 348 -16.47 7.45 -6.01
C ALA A 348 -17.18 6.73 -7.15
N GLN A 349 -16.40 6.22 -8.10
CA GLN A 349 -16.94 5.46 -9.22
C GLN A 349 -17.87 4.35 -8.74
N ALA A 350 -17.43 3.62 -7.72
CA ALA A 350 -18.21 2.49 -7.23
C ALA A 350 -19.38 2.94 -6.36
N GLY A 351 -19.45 4.23 -6.07
CA GLY A 351 -20.43 4.73 -5.12
C GLY A 351 -20.24 4.10 -3.74
N ALA A 352 -18.99 3.77 -3.40
CA ALA A 352 -18.72 3.02 -2.18
C ALA A 352 -18.17 3.88 -1.03
N GLY A 353 -18.21 5.20 -1.20
CA GLY A 353 -17.65 6.10 -0.22
C GLY A 353 -17.55 7.48 -0.82
N ASP A 354 -16.83 8.37 -0.15
CA ASP A 354 -16.69 9.75 -0.62
C ASP A 354 -15.37 10.27 -0.08
N HIS A 355 -15.02 11.50 -0.42
CA HIS A 355 -13.76 12.08 0.04
C HIS A 355 -13.87 13.58 0.31
N LEU A 356 -12.93 14.09 1.09
CA LEU A 356 -12.79 15.53 1.31
C LEU A 356 -11.39 15.97 0.90
N LEU A 357 -11.35 17.02 0.08
CA LEU A 357 -10.08 17.58 -0.39
C LEU A 357 -9.37 18.28 0.78
N PRO A 358 -8.04 18.45 0.66
CA PRO A 358 -7.18 18.92 1.75
C PRO A 358 -7.61 20.27 2.34
N ASP A 359 -8.32 21.07 1.54
CA ASP A 359 -8.74 22.38 1.99
C ASP A 359 -10.05 22.32 2.79
N ASN A 360 -10.73 21.19 2.71
CA ASN A 360 -12.07 21.08 3.26
C ASN A 360 -12.15 20.06 4.39
N ILE A 361 -11.11 19.99 5.21
CA ILE A 361 -11.10 19.08 6.35
C ILE A 361 -11.34 19.84 7.65
N SER A 362 -12.61 19.92 8.03
CA SER A 362 -13.01 20.57 9.27
C SER A 362 -13.88 19.61 10.05
N PRO A 363 -13.95 19.78 11.38
CA PRO A 363 -14.84 18.94 12.16
C PRO A 363 -16.24 18.94 11.56
N ASP A 364 -16.66 20.09 11.04
CA ASP A 364 -17.97 20.20 10.41
C ASP A 364 -18.07 19.42 9.12
N SER A 365 -17.06 19.50 8.27
CA SER A 365 -17.10 18.80 6.99
C SER A 365 -17.02 17.29 7.21
N VAL A 366 -16.17 16.85 8.13
CA VAL A 366 -16.05 15.44 8.45
C VAL A 366 -17.37 14.90 9.00
N SER A 367 -17.95 15.62 9.95
CA SER A 367 -19.20 15.21 10.58
C SER A 367 -20.31 14.99 9.55
N GLY A 368 -20.47 15.95 8.64
CA GLY A 368 -21.53 15.88 7.64
C GLY A 368 -21.33 14.71 6.67
N ALA A 369 -20.10 14.55 6.20
CA ALA A 369 -19.78 13.46 5.29
C ALA A 369 -20.02 12.10 5.95
N ALA A 370 -19.49 11.93 7.16
CA ALA A 370 -19.66 10.68 7.90
C ALA A 370 -21.13 10.34 8.16
N LYS A 371 -21.92 11.34 8.58
CA LYS A 371 -23.34 11.13 8.81
C LYS A 371 -24.03 10.63 7.54
N ARG A 372 -23.66 11.24 6.43
CA ARG A 372 -24.19 10.87 5.12
C ARG A 372 -23.82 9.42 4.77
N LEU A 373 -22.55 9.08 4.94
CA LEU A 373 -22.07 7.75 4.58
C LEU A 373 -22.71 6.66 5.43
N LEU A 374 -23.10 7.00 6.66
CA LEU A 374 -23.72 6.03 7.56
C LEU A 374 -25.22 5.90 7.33
N ALA A 375 -25.87 7.02 7.01
CA ALA A 375 -27.32 7.05 6.86
C ALA A 375 -27.81 6.57 5.50
N GLU A 376 -27.09 6.93 4.44
CA GLU A 376 -27.54 6.59 3.09
C GLU A 376 -27.08 5.21 2.68
N GLU A 377 -28.04 4.32 2.49
CA GLU A 377 -27.78 2.90 2.32
C GLU A 377 -27.03 2.60 1.02
N SER A 378 -26.96 3.57 0.12
CA SER A 378 -26.35 3.35 -1.18
C SER A 378 -24.84 3.17 -1.06
N TYR A 379 -24.23 3.76 -0.03
CA TYR A 379 -22.78 3.64 0.13
C TYR A 379 -22.37 2.24 0.55
N ARG A 380 -23.10 1.68 1.51
CA ARG A 380 -22.87 0.30 1.89
C ARG A 380 -23.17 -0.61 0.70
N ALA A 381 -24.22 -0.30 -0.06
CA ALA A 381 -24.53 -1.06 -1.25
C ALA A 381 -23.36 -1.07 -2.24
N GLY A 382 -22.86 0.12 -2.57
CA GLY A 382 -21.73 0.24 -3.47
C GLY A 382 -20.54 -0.56 -2.97
N ALA A 383 -20.21 -0.42 -1.68
CA ALA A 383 -19.07 -1.12 -1.11
C ALA A 383 -19.27 -2.64 -1.20
N ARG A 384 -20.48 -3.10 -0.90
CA ARG A 384 -20.73 -4.54 -0.92
C ARG A 384 -20.65 -5.14 -2.33
N ALA A 385 -21.01 -4.34 -3.34
CA ALA A 385 -20.86 -4.77 -4.72
C ALA A 385 -19.38 -5.03 -5.02
N VAL A 386 -18.50 -4.13 -4.60
CA VAL A 386 -17.08 -4.35 -4.83
C VAL A 386 -16.57 -5.53 -4.02
N ALA A 387 -17.05 -5.67 -2.79
CA ALA A 387 -16.68 -6.83 -1.98
C ALA A 387 -17.01 -8.12 -2.73
N ALA A 388 -18.16 -8.15 -3.40
CA ALA A 388 -18.56 -9.32 -4.19
C ALA A 388 -17.58 -9.55 -5.35
N GLU A 389 -17.23 -8.47 -6.05
CA GLU A 389 -16.26 -8.57 -7.13
C GLU A 389 -14.91 -9.08 -6.61
N ILE A 390 -14.52 -8.62 -5.43
CA ILE A 390 -13.22 -9.00 -4.88
C ILE A 390 -13.22 -10.48 -4.53
N ALA A 391 -14.33 -10.95 -3.97
CA ALA A 391 -14.44 -12.35 -3.56
C ALA A 391 -14.37 -13.30 -4.76
N ALA A 392 -14.88 -12.87 -5.91
CA ALA A 392 -14.85 -13.71 -7.11
C ALA A 392 -13.50 -13.71 -7.84
N MSE A 393 -12.58 -12.84 -7.43
CA MSE A 393 -11.26 -12.80 -8.05
C MSE A 393 -10.47 -14.06 -7.66
O MSE A 393 -10.70 -14.62 -6.58
CB MSE A 393 -10.51 -11.53 -7.62
CG MSE A 393 -11.09 -10.23 -8.19
SE MSE A 393 -10.20 -8.63 -7.49
CE MSE A 393 -8.57 -8.71 -8.57
N PRO A 394 -9.53 -14.49 -8.50
CA PRO A 394 -8.70 -15.67 -8.20
C PRO A 394 -7.89 -15.51 -6.91
N GLY A 395 -7.89 -16.53 -6.06
CA GLY A 395 -7.17 -16.49 -4.79
C GLY A 395 -5.70 -16.84 -4.95
N PRO A 396 -4.87 -16.49 -3.95
CA PRO A 396 -3.43 -16.78 -4.02
C PRO A 396 -3.12 -18.23 -4.41
N ASP A 397 -3.82 -19.20 -3.84
CA ASP A 397 -3.56 -20.59 -4.18
C ASP A 397 -3.78 -20.91 -5.65
N GLU A 398 -4.75 -20.26 -6.29
CA GLU A 398 -4.96 -20.46 -7.71
C GLU A 398 -3.89 -19.75 -8.55
N VAL A 399 -3.58 -18.51 -8.18
CA VAL A 399 -2.61 -17.71 -8.93
C VAL A 399 -1.20 -18.27 -8.82
N VAL A 400 -0.86 -18.79 -7.64
CA VAL A 400 0.48 -19.34 -7.42
C VAL A 400 0.80 -20.49 -8.39
N ARG A 401 -0.23 -21.17 -8.88
CA ARG A 401 -0.04 -22.26 -9.84
C ARG A 401 0.59 -21.77 -11.15
N LEU A 402 0.62 -20.46 -11.35
CA LEU A 402 1.21 -19.90 -12.57
C LEU A 402 2.72 -19.66 -12.46
N LEU A 403 3.26 -19.69 -11.25
CA LEU A 403 4.65 -19.30 -11.06
C LEU A 403 5.62 -20.14 -11.91
N PRO A 404 5.44 -21.48 -11.91
CA PRO A 404 6.37 -22.28 -12.74
C PRO A 404 6.39 -21.81 -14.19
N GLY A 405 5.21 -21.57 -14.76
CA GLY A 405 5.13 -21.04 -16.11
C GLY A 405 5.90 -19.73 -16.24
N PHE A 406 5.73 -18.83 -15.27
CA PHE A 406 6.43 -17.55 -15.28
C PHE A 406 7.95 -17.74 -15.27
N ALA A 407 8.40 -18.78 -14.58
CA ALA A 407 9.83 -19.01 -14.42
C ALA A 407 10.43 -19.76 -15.61
N SER A 408 9.59 -20.25 -16.52
CA SER A 408 10.09 -20.91 -17.72
C SER A 408 10.69 -19.91 -18.70
PA TYD B . -2.09 1.93 3.32
O1A TYD B . -1.76 1.61 1.87
O2A TYD B . -3.51 1.84 3.82
O3A TYD B . -1.59 3.41 3.74
PB TYD B . -0.10 3.99 3.51
O1B TYD B . 0.61 3.03 2.61
O2B TYD B . -0.34 5.36 2.91
O3B TYD B . 0.45 4.03 4.92
O5' TYD B . -1.16 0.92 4.18
C5' TYD B . -1.21 0.85 5.60
C4' TYD B . -1.08 -0.62 5.98
O4' TYD B . -0.77 -0.66 7.38
C3' TYD B . -2.41 -1.33 5.79
O3' TYD B . -2.24 -2.60 5.14
C2' TYD B . -2.96 -1.54 7.19
C1' TYD B . -1.74 -1.43 8.09
N1 TYD B . -2.01 -0.80 9.39
C2 TYD B . -2.43 -1.59 10.48
O2 TYD B . -2.59 -2.82 10.29
N3 TYD B . -2.66 -1.06 11.69
C4 TYD B . -2.51 0.25 11.88
O4 TYD B . -2.72 0.78 12.99
C5 TYD B . -2.06 1.10 10.76
C5M TYD B . -1.88 2.58 10.99
C6 TYD B . -1.82 0.51 9.53
CL CL C . 1.79 -14.50 -19.32
CL CL D . 5.41 5.75 -4.49
CL CL E . 19.61 -25.79 -8.71
CL CL F . 19.69 -14.81 1.85
CL CL G . -5.61 -16.38 14.13
#